data_5WQP
#
_entry.id   5WQP
#
_cell.length_a   65.562
_cell.length_b   74.901
_cell.length_c   90.991
_cell.angle_alpha   90.00
_cell.angle_beta   90.00
_cell.angle_gamma   90.00
#
_symmetry.space_group_name_H-M   'P 21 21 21'
#
loop_
_entity.id
_entity.type
_entity.pdbx_description
1 polymer 'Probable dehydrogenase'
2 non-polymer 'NADP NICOTINAMIDE-ADENINE-DINUCLEOTIDE PHOSPHATE'
3 non-polymer NICOTINAMIDE
4 non-polymer 'SODIUM ION'
5 non-polymer 'PHOSPHATE ION'
6 water water
#
_entity_poly.entity_id   1
_entity_poly.type   'polypeptide(L)'
_entity_poly.pdbx_seq_one_letter_code
;GPLGSMHNVLIVGASRGIGLGLADAFLQRGAQVFAVARRPQGSPGLQALAERAGERLQAVTGDLNQHDCAERIGEMLGER
RIDRLIVNAGIYGPQQQDVAEIDAEQTAQLFLTNAIAPLRLARALSGRVSRGGVVAFMSSQMASLALGLSATMPLYGASK
AALNSLVRSWEGEFEELPFSLLLLHPGWVRTEMGGDSAPLSVEESAAGLVAAVEDAAGVNACRFVDYRNQPLPW
;
_entity_poly.pdbx_strand_id   A,B
#
# COMPACT_ATOMS: atom_id res chain seq x y z
N SER A 5 12.43 6.31 -30.74
CA SER A 5 13.13 6.10 -29.38
C SER A 5 13.23 4.64 -28.82
N MET A 6 12.56 3.65 -29.39
CA MET A 6 12.64 2.32 -28.81
C MET A 6 13.96 1.57 -29.11
N HIS A 7 15.04 1.83 -28.38
CA HIS A 7 16.31 1.19 -28.72
C HIS A 7 16.50 0.29 -27.50
N ASN A 8 16.90 0.83 -26.34
CA ASN A 8 17.38 0.02 -25.24
C ASN A 8 16.27 -0.23 -24.24
N VAL A 9 15.92 -1.51 -24.09
CA VAL A 9 14.85 -1.97 -23.20
C VAL A 9 15.44 -2.84 -22.11
N LEU A 10 15.17 -2.47 -20.88
CA LEU A 10 15.68 -3.18 -19.69
C LEU A 10 14.53 -3.82 -19.01
N ILE A 11 14.56 -5.15 -18.89
CA ILE A 11 13.51 -5.91 -18.17
C ILE A 11 14.10 -6.54 -16.95
N VAL A 12 13.60 -6.11 -15.78
CA VAL A 12 14.11 -6.62 -14.52
C VAL A 12 13.20 -7.78 -14.07
N GLY A 13 13.75 -8.98 -14.22
CA GLY A 13 13.02 -10.22 -13.86
C GLY A 13 12.55 -10.86 -15.14
N ALA A 14 13.44 -11.49 -15.84
CA ALA A 14 13.15 -11.90 -17.22
C ALA A 14 13.34 -13.39 -17.49
N SER A 15 13.54 -14.19 -16.45
CA SER A 15 13.87 -15.61 -16.63
C SER A 15 12.69 -16.48 -17.10
N ARG A 16 11.47 -16.07 -16.82
CA ARG A 16 10.26 -16.87 -17.04
C ARG A 16 9.01 -15.99 -17.01
N GLY A 17 7.88 -16.56 -17.43
CA GLY A 17 6.65 -15.86 -17.27
C GLY A 17 6.51 -14.61 -18.08
N ILE A 18 5.80 -13.63 -17.52
CA ILE A 18 5.52 -12.39 -18.26
C ILE A 18 6.85 -11.71 -18.63
N GLY A 19 7.82 -11.76 -17.72
CA GLY A 19 9.09 -11.08 -17.97
C GLY A 19 9.84 -11.63 -19.18
N LEU A 20 9.86 -12.97 -19.29
CA LEU A 20 10.44 -13.59 -20.42
C LEU A 20 9.62 -13.24 -21.66
N GLY A 21 8.29 -13.26 -21.54
CA GLY A 21 7.43 -12.86 -22.69
C GLY A 21 7.69 -11.44 -23.19
N LEU A 22 7.93 -10.52 -22.26
CA LEU A 22 8.31 -9.13 -22.58
C LEU A 22 9.59 -9.04 -23.32
N ALA A 23 10.61 -9.80 -22.87
CA ALA A 23 11.89 -9.82 -23.55
C ALA A 23 11.70 -10.29 -24.99
N ASP A 24 10.92 -11.36 -25.16
CA ASP A 24 10.64 -11.95 -26.47
C ASP A 24 9.94 -10.92 -27.34
N ALA A 25 8.90 -10.32 -26.81
CA ALA A 25 8.07 -9.38 -27.61
C ALA A 25 8.83 -8.14 -27.99
N PHE A 26 9.66 -7.62 -27.09
CA PHE A 26 10.51 -6.45 -27.48
C PHE A 26 11.54 -6.84 -28.51
N LEU A 27 12.12 -8.04 -28.39
CA LEU A 27 13.08 -8.49 -29.41
C LEU A 27 12.37 -8.56 -30.74
N GLN A 28 11.14 -9.03 -30.77
CA GLN A 28 10.44 -9.21 -32.07
C GLN A 28 10.18 -7.85 -32.71
N ARG A 29 10.17 -6.78 -31.93
CA ARG A 29 10.02 -5.45 -32.46
C ARG A 29 11.29 -4.79 -32.82
N GLY A 30 12.41 -5.47 -32.70
CA GLY A 30 13.70 -4.91 -33.05
C GLY A 30 14.49 -4.19 -31.96
N ALA A 31 14.05 -4.28 -30.71
CA ALA A 31 14.75 -3.65 -29.62
C ALA A 31 16.01 -4.37 -29.25
N GLN A 32 16.91 -3.61 -28.58
CA GLN A 32 18.08 -4.13 -27.90
C GLN A 32 17.63 -4.39 -26.49
N VAL A 33 17.64 -5.68 -26.09
CA VAL A 33 17.03 -6.03 -24.80
C VAL A 33 18.07 -6.47 -23.78
N PHE A 34 18.03 -5.83 -22.60
CA PHE A 34 18.85 -6.20 -21.45
C PHE A 34 17.95 -6.91 -20.51
N ALA A 35 18.17 -8.20 -20.34
CA ALA A 35 17.24 -9.05 -19.64
C ALA A 35 17.87 -9.45 -18.32
N VAL A 36 17.38 -8.89 -17.21
CA VAL A 36 18.01 -9.12 -15.94
C VAL A 36 17.33 -10.31 -15.31
N ALA A 37 18.11 -11.28 -14.86
CA ALA A 37 17.55 -12.40 -14.10
C ALA A 37 18.53 -12.77 -12.96
N ARG A 38 17.99 -13.36 -11.92
CA ARG A 38 18.86 -13.85 -10.79
C ARG A 38 19.89 -14.86 -11.21
N ARG A 39 19.46 -15.78 -12.06
CA ARG A 39 20.24 -16.89 -12.56
C ARG A 39 19.97 -17.10 -14.07
N PRO A 40 20.53 -16.21 -14.91
CA PRO A 40 20.20 -16.27 -16.33
C PRO A 40 20.54 -17.59 -16.97
N GLN A 41 21.65 -18.18 -16.53
CA GLN A 41 22.15 -19.39 -17.15
C GLN A 41 21.19 -20.55 -16.91
N GLY A 42 20.37 -20.44 -15.85
CA GLY A 42 19.42 -21.47 -15.53
C GLY A 42 18.06 -21.27 -16.14
N SER A 43 17.91 -20.29 -17.05
CA SER A 43 16.63 -20.04 -17.72
C SER A 43 16.66 -20.61 -19.15
N PRO A 44 15.96 -21.73 -19.40
CA PRO A 44 16.02 -22.19 -20.76
C PRO A 44 15.37 -21.20 -21.74
N GLY A 45 14.39 -20.45 -21.27
CA GLY A 45 13.70 -19.44 -22.10
C GLY A 45 14.63 -18.36 -22.54
N LEU A 46 15.43 -17.84 -21.62
CA LEU A 46 16.41 -16.81 -21.99
C LEU A 46 17.48 -17.36 -22.84
N GLN A 47 17.93 -18.61 -22.57
CA GLN A 47 18.90 -19.21 -23.45
C GLN A 47 18.38 -19.40 -24.87
N ALA A 48 17.11 -19.76 -25.00
CA ALA A 48 16.50 -19.85 -26.33
C ALA A 48 16.38 -18.47 -27.06
N LEU A 49 16.09 -17.42 -26.30
CA LEU A 49 16.09 -16.06 -26.89
C LEU A 49 17.50 -15.62 -27.29
N ALA A 50 18.51 -15.95 -26.49
CA ALA A 50 19.89 -15.62 -26.86
C ALA A 50 20.29 -16.34 -28.12
N GLU A 51 19.84 -17.60 -28.27
CA GLU A 51 20.14 -18.35 -29.49
C GLU A 51 19.49 -17.68 -30.72
N ARG A 52 18.30 -17.17 -30.56
CA ARG A 52 17.57 -16.62 -31.66
C ARG A 52 18.06 -15.23 -32.03
N ALA A 53 18.26 -14.38 -31.02
CA ALA A 53 18.51 -12.95 -31.23
C ALA A 53 19.96 -12.55 -31.19
N GLY A 54 20.83 -13.46 -30.74
CA GLY A 54 22.26 -13.19 -30.60
C GLY A 54 22.49 -11.98 -29.70
N GLU A 55 23.38 -11.12 -30.14
CA GLU A 55 23.81 -10.00 -29.29
C GLU A 55 22.73 -8.96 -29.00
N ARG A 56 21.63 -8.95 -29.75
CA ARG A 56 20.51 -8.09 -29.40
C ARG A 56 19.82 -8.43 -28.08
N LEU A 57 20.06 -9.63 -27.53
CA LEU A 57 19.58 -10.00 -26.19
C LEU A 57 20.80 -10.14 -25.34
N GLN A 58 20.91 -9.29 -24.33
CA GLN A 58 22.00 -9.36 -23.36
C GLN A 58 21.40 -9.79 -22.04
N ALA A 59 21.79 -10.97 -21.56
CA ALA A 59 21.34 -11.47 -20.25
C ALA A 59 22.27 -10.83 -19.21
N VAL A 60 21.71 -10.36 -18.13
CA VAL A 60 22.45 -9.62 -17.08
C VAL A 60 22.08 -10.35 -15.78
N THR A 61 23.03 -10.70 -14.92
CA THR A 61 22.70 -11.33 -13.65
C THR A 61 22.38 -10.18 -12.67
N GLY A 62 21.24 -10.27 -12.01
CA GLY A 62 20.88 -9.28 -11.03
C GLY A 62 19.65 -9.62 -10.26
N ASP A 63 19.50 -8.95 -9.11
CA ASP A 63 18.48 -9.32 -8.15
C ASP A 63 17.88 -8.05 -7.60
N LEU A 64 16.55 -7.90 -7.73
CA LEU A 64 15.86 -6.74 -7.38
C LEU A 64 16.05 -6.36 -5.89
N ASN A 65 16.24 -7.38 -5.04
CA ASN A 65 16.39 -7.15 -3.61
C ASN A 65 17.84 -6.86 -3.22
N GLN A 66 18.75 -6.86 -4.17
CA GLN A 66 20.17 -6.60 -3.87
C GLN A 66 20.40 -5.14 -4.07
N HIS A 67 21.03 -4.45 -3.12
CA HIS A 67 21.21 -2.99 -3.26
C HIS A 67 22.24 -2.63 -4.31
N ASP A 68 23.05 -3.60 -4.78
CA ASP A 68 23.95 -3.40 -5.91
C ASP A 68 23.36 -3.65 -7.29
N CYS A 69 22.05 -3.90 -7.37
CA CYS A 69 21.42 -4.23 -8.64
C CYS A 69 21.60 -3.09 -9.67
N ALA A 70 21.29 -1.87 -9.26
CA ALA A 70 21.42 -0.71 -10.21
C ALA A 70 22.84 -0.49 -10.66
N GLU A 71 23.80 -0.65 -9.75
CA GLU A 71 25.22 -0.52 -10.10
C GLU A 71 25.70 -1.58 -11.12
N ARG A 72 25.30 -2.83 -10.92
CA ARG A 72 25.59 -3.90 -11.86
C ARG A 72 25.01 -3.64 -13.22
N ILE A 73 23.76 -3.18 -13.24
CA ILE A 73 23.12 -2.90 -14.48
C ILE A 73 23.87 -1.75 -15.15
N GLY A 74 24.15 -0.71 -14.40
CA GLY A 74 24.90 0.42 -15.02
C GLY A 74 26.26 0.07 -15.52
N GLU A 75 27.00 -0.76 -14.80
CA GLU A 75 28.34 -1.18 -15.23
C GLU A 75 28.24 -1.90 -16.55
N MET A 76 27.21 -2.72 -16.66
CA MET A 76 26.95 -3.41 -17.87
C MET A 76 26.50 -2.48 -19.03
N LEU A 77 25.63 -1.52 -18.79
CA LEU A 77 25.20 -0.59 -19.86
C LEU A 77 26.29 0.32 -20.32
N GLY A 78 27.19 0.70 -19.43
CA GLY A 78 28.29 1.60 -19.81
C GLY A 78 27.70 2.97 -19.94
N GLU A 79 27.77 3.56 -21.13
CA GLU A 79 27.17 4.87 -21.33
C GLU A 79 25.78 4.80 -21.95
N ARG A 80 25.28 3.59 -22.19
CA ARG A 80 24.02 3.43 -22.89
C ARG A 80 22.85 3.87 -22.06
N ARG A 81 21.95 4.59 -22.69
CA ARG A 81 20.75 5.05 -22.00
C ARG A 81 19.68 3.99 -22.07
N ILE A 82 18.79 4.03 -21.10
CA ILE A 82 17.62 3.11 -21.04
C ILE A 82 16.41 3.83 -21.62
N ASP A 83 15.89 3.32 -22.72
CA ASP A 83 14.68 3.91 -23.30
C ASP A 83 13.39 3.44 -22.59
N ARG A 84 13.36 2.16 -22.20
CA ARG A 84 12.19 1.56 -21.56
C ARG A 84 12.70 0.72 -20.42
N LEU A 85 12.28 1.07 -19.23
CA LEU A 85 12.70 0.34 -18.01
C LEU A 85 11.47 -0.33 -17.45
N ILE A 86 11.44 -1.66 -17.42
CA ILE A 86 10.31 -2.37 -16.92
C ILE A 86 10.71 -3.22 -15.73
N VAL A 87 10.10 -2.97 -14.56
CA VAL A 87 10.28 -3.81 -13.39
C VAL A 87 9.16 -4.88 -13.35
N ASN A 88 9.54 -6.13 -13.52
CA ASN A 88 8.58 -7.21 -13.66
C ASN A 88 8.64 -8.18 -12.53
N ALA A 89 9.82 -8.41 -11.95
CA ALA A 89 9.97 -9.36 -10.89
C ALA A 89 9.03 -9.12 -9.73
N GLY A 90 8.44 -10.19 -9.19
CA GLY A 90 7.56 -10.04 -8.05
C GLY A 90 7.37 -11.33 -7.31
N ILE A 91 6.71 -11.23 -6.15
CA ILE A 91 6.28 -12.43 -5.41
C ILE A 91 4.79 -12.35 -5.10
N TYR A 92 4.22 -13.44 -4.57
CA TYR A 92 2.81 -13.46 -4.23
C TYR A 92 2.58 -13.05 -2.76
N GLY A 93 3.55 -13.38 -1.87
CA GLY A 93 3.30 -13.33 -0.43
C GLY A 93 2.78 -14.68 0.03
N PRO A 94 2.42 -14.80 1.30
CA PRO A 94 1.98 -16.07 1.85
C PRO A 94 0.84 -16.68 1.06
N GLN A 95 0.91 -17.98 0.82
CA GLN A 95 -0.06 -18.64 -0.03
C GLN A 95 -1.50 -18.48 0.45
N GLN A 96 -1.73 -18.45 1.79
CA GLN A 96 -3.11 -18.31 2.24
C GLN A 96 -3.63 -16.88 2.25
N GLN A 97 -2.75 -15.92 2.03
CA GLN A 97 -3.14 -14.51 1.82
C GLN A 97 -3.94 -14.03 2.99
N ASP A 98 -3.47 -14.36 4.19
CA ASP A 98 -4.24 -14.18 5.44
C ASP A 98 -3.59 -13.13 6.33
N VAL A 99 -4.25 -11.95 6.40
CA VAL A 99 -3.76 -10.86 7.18
C VAL A 99 -3.65 -11.21 8.67
N ALA A 100 -4.39 -12.22 9.18
CA ALA A 100 -4.35 -12.59 10.52
C ALA A 100 -3.12 -13.43 10.86
N GLU A 101 -2.42 -13.96 9.87
CA GLU A 101 -1.33 -14.87 10.10
C GLU A 101 0.05 -14.42 9.59
N ILE A 102 0.13 -13.47 8.68
CA ILE A 102 1.41 -13.02 8.15
C ILE A 102 2.33 -12.48 9.27
N ASP A 103 3.58 -12.90 9.28
CA ASP A 103 4.54 -12.47 10.28
C ASP A 103 5.47 -11.38 9.81
N ALA A 104 6.37 -10.94 10.70
CA ALA A 104 7.18 -9.74 10.39
C ALA A 104 8.12 -10.01 9.19
N GLU A 105 8.74 -11.17 9.19
CA GLU A 105 9.65 -11.48 8.07
C GLU A 105 8.94 -11.53 6.74
N GLN A 106 7.76 -12.15 6.73
CA GLN A 106 6.95 -12.21 5.54
C GLN A 106 6.49 -10.85 5.08
N THR A 107 6.13 -9.99 6.03
CA THR A 107 5.70 -8.66 5.74
C THR A 107 6.82 -7.85 5.10
N ALA A 108 8.00 -7.94 5.66
CA ALA A 108 9.14 -7.23 5.09
C ALA A 108 9.46 -7.72 3.67
N GLN A 109 9.42 -9.03 3.47
CA GLN A 109 9.68 -9.58 2.15
C GLN A 109 8.66 -9.10 1.10
N LEU A 110 7.41 -9.15 1.48
CA LEU A 110 6.33 -8.80 0.60
C LEU A 110 6.40 -7.33 0.18
N PHE A 111 6.55 -6.40 1.13
CA PHE A 111 6.53 -4.96 0.79
C PHE A 111 7.87 -4.49 0.26
N LEU A 112 8.99 -5.08 0.73
CA LEU A 112 10.27 -4.76 0.02
C LEU A 112 10.28 -5.24 -1.46
N THR A 113 9.89 -6.50 -1.67
CA THR A 113 9.97 -7.03 -3.02
C THR A 113 9.00 -6.39 -3.98
N ASN A 114 7.74 -6.23 -3.56
CA ASN A 114 6.68 -5.80 -4.47
C ASN A 114 6.47 -4.27 -4.56
N ALA A 115 7.04 -3.54 -3.61
CA ALA A 115 6.73 -2.09 -3.56
C ALA A 115 7.99 -1.24 -3.43
N ILE A 116 8.80 -1.47 -2.41
CA ILE A 116 9.95 -0.59 -2.12
C ILE A 116 11.11 -0.80 -3.08
N ALA A 117 11.52 -2.03 -3.27
CA ALA A 117 12.66 -2.33 -4.16
C ALA A 117 12.47 -1.85 -5.59
N PRO A 118 11.26 -2.00 -6.19
CA PRO A 118 11.05 -1.43 -7.50
C PRO A 118 11.34 0.04 -7.55
N LEU A 119 10.92 0.79 -6.53
CA LEU A 119 11.20 2.22 -6.55
C LEU A 119 12.68 2.52 -6.31
N ARG A 120 13.30 1.76 -5.44
CA ARG A 120 14.71 1.99 -5.14
C ARG A 120 15.52 1.79 -6.43
N LEU A 121 15.22 0.71 -7.15
CA LEU A 121 15.95 0.46 -8.40
C LEU A 121 15.70 1.49 -9.46
N ALA A 122 14.43 1.79 -9.69
CA ALA A 122 14.06 2.74 -10.74
C ALA A 122 14.66 4.11 -10.45
N ARG A 123 14.60 4.54 -9.19
CA ARG A 123 15.23 5.78 -8.82
C ARG A 123 16.72 5.80 -9.04
N ALA A 124 17.39 4.70 -8.70
CA ALA A 124 18.81 4.62 -8.88
C ALA A 124 19.22 4.65 -10.40
N LEU A 125 18.37 4.12 -11.26
CA LEU A 125 18.60 4.14 -12.70
C LEU A 125 18.03 5.33 -13.44
N SER A 126 17.28 6.19 -12.76
CA SER A 126 16.46 7.20 -13.42
C SER A 126 17.30 8.18 -14.23
N GLY A 127 18.51 8.53 -13.79
CA GLY A 127 19.34 9.47 -14.53
C GLY A 127 19.82 8.91 -15.86
N ARG A 128 19.79 7.58 -16.00
CA ARG A 128 20.19 6.89 -17.25
C ARG A 128 19.02 6.67 -18.19
N VAL A 129 17.81 6.94 -17.72
CA VAL A 129 16.60 6.79 -18.57
C VAL A 129 16.53 7.98 -19.55
N SER A 130 16.35 7.68 -20.84
CA SER A 130 16.13 8.68 -21.85
C SER A 130 15.01 9.63 -21.48
N ARG A 131 15.26 10.93 -21.71
CA ARG A 131 14.18 11.89 -21.50
C ARG A 131 13.14 11.55 -22.59
N GLY A 132 11.87 11.48 -22.20
CA GLY A 132 10.84 10.96 -23.07
C GLY A 132 10.71 9.44 -23.14
N GLY A 133 11.48 8.75 -22.32
CA GLY A 133 11.31 7.30 -22.19
C GLY A 133 10.14 6.90 -21.32
N VAL A 134 10.16 5.64 -20.89
CA VAL A 134 9.08 5.04 -20.12
C VAL A 134 9.68 4.18 -19.04
N VAL A 135 9.24 4.42 -17.79
CA VAL A 135 9.53 3.57 -16.68
C VAL A 135 8.21 2.94 -16.25
N ALA A 136 8.15 1.62 -16.31
CA ALA A 136 6.90 0.87 -16.10
C ALA A 136 7.12 -0.16 -15.03
N PHE A 137 6.13 -0.24 -14.13
CA PHE A 137 6.16 -1.21 -13.02
C PHE A 137 5.00 -2.15 -13.24
N MET A 138 5.26 -3.44 -13.23
CA MET A 138 4.18 -4.39 -13.31
C MET A 138 3.39 -4.30 -12.02
N SER A 139 2.11 -4.04 -12.17
CA SER A 139 1.22 -3.91 -11.02
C SER A 139 0.17 -4.97 -11.16
N SER A 140 -1.05 -4.68 -10.77
CA SER A 140 -2.16 -5.60 -10.84
C SER A 140 -3.47 -4.88 -10.63
N GLN A 141 -4.51 -5.44 -11.21
CA GLN A 141 -5.88 -5.00 -10.96
C GLN A 141 -6.21 -5.17 -9.46
N MET A 142 -5.50 -6.05 -8.77
CA MET A 142 -5.69 -6.24 -7.31
C MET A 142 -5.24 -5.04 -6.50
N ALA A 143 -4.46 -4.13 -7.12
CA ALA A 143 -4.06 -2.89 -6.48
C ALA A 143 -5.15 -1.84 -6.46
N SER A 144 -6.18 -2.01 -7.29
CA SER A 144 -7.22 -0.99 -7.42
C SER A 144 -8.14 -0.99 -6.19
N LEU A 145 -8.24 0.15 -5.53
CA LEU A 145 -9.24 0.30 -4.46
C LEU A 145 -10.64 0.24 -5.02
N ALA A 146 -10.88 0.96 -6.11
CA ALA A 146 -12.22 1.00 -6.67
C ALA A 146 -12.76 -0.35 -7.14
N LEU A 147 -11.91 -1.17 -7.77
CA LEU A 147 -12.37 -2.48 -8.29
C LEU A 147 -12.71 -3.42 -7.15
N GLY A 148 -11.99 -3.32 -6.06
CA GLY A 148 -12.31 -4.10 -4.89
C GLY A 148 -12.07 -5.59 -5.08
N LEU A 149 -11.25 -5.98 -6.03
CA LEU A 149 -11.00 -7.36 -6.33
C LEU A 149 -9.93 -7.94 -5.37
N SER A 150 -9.25 -7.06 -4.60
CA SER A 150 -8.18 -7.49 -3.69
C SER A 150 -8.65 -8.51 -2.61
N ALA A 151 -9.99 -8.65 -2.35
CA ALA A 151 -10.47 -9.75 -1.53
C ALA A 151 -9.95 -11.11 -1.98
N THR A 152 -9.74 -11.25 -3.31
CA THR A 152 -9.23 -12.48 -3.87
C THR A 152 -7.83 -12.88 -3.36
N MET A 153 -7.01 -11.88 -3.08
CA MET A 153 -5.65 -12.09 -2.66
C MET A 153 -5.15 -10.84 -1.92
N PRO A 154 -5.58 -10.68 -0.64
CA PRO A 154 -5.47 -9.39 -0.02
C PRO A 154 -4.06 -8.90 0.21
N LEU A 155 -3.15 -9.78 0.56
CA LEU A 155 -1.80 -9.38 0.87
C LEU A 155 -1.02 -8.93 -0.38
N TYR A 156 -1.15 -9.75 -1.45
CA TYR A 156 -0.61 -9.39 -2.74
C TYR A 156 -1.19 -8.04 -3.18
N GLY A 157 -2.50 -7.91 -3.09
CA GLY A 157 -3.19 -6.66 -3.51
C GLY A 157 -2.67 -5.46 -2.77
N ALA A 158 -2.53 -5.58 -1.45
CA ALA A 158 -2.04 -4.47 -0.65
C ALA A 158 -0.61 -4.09 -1.06
N SER A 159 0.20 -5.09 -1.41
CA SER A 159 1.59 -4.85 -1.79
C SER A 159 1.63 -4.04 -3.09
N LYS A 160 0.67 -4.33 -4.01
CA LYS A 160 0.63 -3.62 -5.22
C LYS A 160 -0.07 -2.26 -5.08
N ALA A 161 -0.98 -2.12 -4.12
CA ALA A 161 -1.52 -0.77 -3.81
C ALA A 161 -0.37 0.09 -3.31
N ALA A 162 0.49 -0.47 -2.47
CA ALA A 162 1.67 0.27 -1.99
C ALA A 162 2.61 0.68 -3.10
N LEU A 163 2.82 -0.22 -4.06
CA LEU A 163 3.60 0.10 -5.23
C LEU A 163 2.97 1.30 -5.97
N ASN A 164 1.67 1.20 -6.27
CA ASN A 164 1.02 2.27 -6.99
C ASN A 164 1.18 3.61 -6.26
N SER A 165 1.00 3.57 -4.93
CA SER A 165 1.15 4.76 -4.13
C SER A 165 2.56 5.37 -4.25
N LEU A 166 3.58 4.49 -4.13
CA LEU A 166 4.98 4.99 -4.21
C LEU A 166 5.30 5.57 -5.59
N VAL A 167 4.69 5.01 -6.63
CA VAL A 167 4.92 5.55 -7.99
C VAL A 167 4.26 6.90 -8.15
N ARG A 168 3.02 7.04 -7.64
CA ARG A 168 2.38 8.35 -7.60
C ARG A 168 3.16 9.36 -6.76
N SER A 169 3.73 8.95 -5.65
CA SER A 169 4.53 9.84 -4.85
C SER A 169 5.82 10.26 -5.56
N TRP A 170 6.40 9.34 -6.30
CA TRP A 170 7.61 9.71 -7.10
C TRP A 170 7.25 10.75 -8.17
N GLU A 171 6.12 10.52 -8.84
CA GLU A 171 5.60 11.50 -9.79
C GLU A 171 5.54 12.94 -9.22
N GLY A 172 5.03 12.97 -7.98
CA GLY A 172 4.92 14.20 -7.19
C GLY A 172 6.22 14.92 -6.86
N GLU A 173 7.36 14.27 -7.04
CA GLU A 173 8.62 14.90 -6.80
C GLU A 173 9.10 15.73 -7.97
N PHE A 174 8.52 15.54 -9.15
CA PHE A 174 9.01 16.23 -10.33
C PHE A 174 8.20 17.49 -10.66
N GLU A 175 8.90 18.53 -10.97
CA GLU A 175 8.30 19.77 -11.50
C GLU A 175 7.82 19.53 -12.93
N GLU A 176 8.54 18.68 -13.69
CA GLU A 176 8.04 18.26 -15.00
C GLU A 176 8.51 16.79 -15.14
N LEU A 177 7.61 15.87 -15.38
CA LEU A 177 7.99 14.45 -15.51
C LEU A 177 8.94 14.23 -16.71
N PRO A 178 10.11 13.61 -16.48
CA PRO A 178 11.06 13.49 -17.59
C PRO A 178 10.85 12.22 -18.42
N PHE A 179 10.02 11.32 -17.93
CA PHE A 179 9.66 10.06 -18.60
C PHE A 179 8.28 9.69 -18.17
N SER A 180 7.63 8.76 -18.87
CA SER A 180 6.34 8.26 -18.37
C SER A 180 6.53 7.26 -17.24
N LEU A 181 5.54 7.20 -16.36
CA LEU A 181 5.51 6.26 -15.22
C LEU A 181 4.27 5.42 -15.38
N LEU A 182 4.46 4.16 -15.72
CA LEU A 182 3.30 3.29 -15.97
C LEU A 182 3.17 2.24 -14.88
N LEU A 183 1.92 1.98 -14.50
CA LEU A 183 1.58 0.89 -13.65
C LEU A 183 0.75 -0.05 -14.50
N LEU A 184 1.23 -1.26 -14.70
CA LEU A 184 0.65 -2.14 -15.74
C LEU A 184 -0.03 -3.33 -15.14
N HIS A 185 -1.27 -3.59 -15.53
CA HIS A 185 -1.95 -4.82 -15.20
C HIS A 185 -1.84 -5.76 -16.41
N PRO A 186 -1.23 -6.91 -16.25
CA PRO A 186 -0.96 -7.75 -17.40
C PRO A 186 -2.14 -8.63 -17.79
N GLY A 187 -3.25 -8.57 -17.05
CA GLY A 187 -4.31 -9.55 -17.13
C GLY A 187 -3.93 -10.69 -16.23
N TRP A 188 -4.78 -11.70 -16.25
CA TRP A 188 -4.55 -12.95 -15.50
C TRP A 188 -3.97 -13.92 -16.49
N VAL A 189 -2.69 -14.25 -16.26
CA VAL A 189 -1.78 -14.88 -17.22
C VAL A 189 -1.21 -16.23 -16.73
N ARG A 190 -1.08 -17.17 -17.64
CA ARG A 190 -0.64 -18.53 -17.34
C ARG A 190 0.89 -18.54 -17.11
N THR A 191 1.21 -18.37 -15.86
CA THR A 191 2.57 -18.34 -15.32
C THR A 191 2.55 -19.19 -14.08
N GLU A 192 3.70 -19.37 -13.41
CA GLU A 192 3.71 -20.23 -12.20
C GLU A 192 2.73 -19.64 -11.18
N MET A 193 2.76 -18.30 -11.02
CA MET A 193 1.87 -17.63 -10.09
C MET A 193 0.42 -17.62 -10.59
N GLY A 194 0.20 -17.31 -11.87
CA GLY A 194 -1.16 -17.18 -12.39
C GLY A 194 -1.95 -18.49 -12.44
N GLY A 195 -1.25 -19.59 -12.66
CA GLY A 195 -1.81 -20.96 -12.57
C GLY A 195 -2.56 -21.34 -13.85
N ASP A 196 -3.08 -22.56 -13.90
CA ASP A 196 -3.70 -23.08 -15.09
C ASP A 196 -5.04 -22.48 -15.54
N SER A 197 -5.75 -21.82 -14.61
CA SER A 197 -7.03 -21.21 -14.92
C SER A 197 -6.88 -19.85 -15.56
N ALA A 198 -5.68 -19.30 -15.62
CA ALA A 198 -5.51 -17.96 -16.14
C ALA A 198 -5.93 -17.96 -17.65
N PRO A 199 -6.75 -16.97 -18.03
CA PRO A 199 -7.26 -16.97 -19.39
C PRO A 199 -6.27 -16.49 -20.43
N LEU A 200 -5.22 -15.76 -20.08
CA LEU A 200 -4.32 -15.22 -21.14
C LEU A 200 -3.06 -16.03 -21.18
N SER A 201 -2.52 -16.16 -22.37
CA SER A 201 -1.16 -16.64 -22.55
C SER A 201 -0.18 -15.51 -22.29
N VAL A 202 1.03 -15.89 -21.91
CA VAL A 202 2.12 -14.91 -21.82
C VAL A 202 2.25 -14.15 -23.14
N GLU A 203 2.17 -14.83 -24.28
CA GLU A 203 2.35 -14.19 -25.55
C GLU A 203 1.31 -13.09 -25.77
N GLU A 204 0.03 -13.38 -25.42
CA GLU A 204 -1.03 -12.35 -25.59
C GLU A 204 -0.82 -11.15 -24.66
N SER A 205 -0.52 -11.46 -23.41
CA SER A 205 -0.29 -10.46 -22.42
C SER A 205 0.89 -9.53 -22.83
N ALA A 206 2.00 -10.16 -23.16
CA ALA A 206 3.22 -9.38 -23.47
C ALA A 206 3.02 -8.53 -24.74
N ALA A 207 2.33 -9.05 -25.74
CA ALA A 207 2.08 -8.27 -26.97
C ALA A 207 1.37 -6.98 -26.64
N GLY A 208 0.35 -7.13 -25.80
CA GLY A 208 -0.45 -5.97 -25.40
C GLY A 208 0.32 -5.00 -24.55
N LEU A 209 1.09 -5.54 -23.60
CA LEU A 209 1.90 -4.71 -22.70
C LEU A 209 2.94 -3.89 -23.51
N VAL A 210 3.57 -4.53 -24.50
CA VAL A 210 4.51 -3.79 -25.36
C VAL A 210 3.81 -2.59 -26.02
N ALA A 211 2.61 -2.79 -26.52
CA ALA A 211 1.87 -1.69 -27.15
C ALA A 211 1.53 -0.60 -26.17
N ALA A 212 1.14 -0.99 -24.97
CA ALA A 212 0.84 0.04 -23.93
C ALA A 212 2.07 0.84 -23.57
N VAL A 213 3.20 0.16 -23.37
CA VAL A 213 4.44 0.84 -23.12
C VAL A 213 4.77 1.85 -24.25
N GLU A 214 4.69 1.38 -25.50
CA GLU A 214 5.04 2.21 -26.64
C GLU A 214 4.08 3.40 -26.78
N ASP A 215 2.82 3.22 -26.40
CA ASP A 215 1.83 4.29 -26.46
C ASP A 215 2.12 5.45 -25.49
N ALA A 216 2.90 5.19 -24.42
CA ALA A 216 3.27 6.22 -23.45
C ALA A 216 4.57 6.94 -23.73
N ALA A 217 5.32 6.44 -24.70
CA ALA A 217 6.64 7.02 -25.00
C ALA A 217 6.51 8.40 -25.53
N GLY A 218 7.26 9.33 -24.93
CA GLY A 218 7.21 10.73 -25.28
C GLY A 218 6.08 11.55 -24.71
N VAL A 219 5.15 10.94 -23.99
CA VAL A 219 3.99 11.59 -23.43
C VAL A 219 4.31 12.14 -22.01
N ASN A 220 5.25 11.52 -21.32
CA ASN A 220 5.62 11.92 -19.93
C ASN A 220 4.40 12.02 -18.99
N ALA A 221 3.65 10.93 -18.93
CA ALA A 221 2.44 10.80 -18.13
C ALA A 221 2.51 9.67 -17.17
N CYS A 222 1.66 9.70 -16.18
CA CYS A 222 1.55 8.59 -15.20
C CYS A 222 0.21 7.91 -15.54
N ARG A 223 0.22 6.60 -15.82
CA ARG A 223 -0.98 5.87 -16.18
C ARG A 223 -1.04 4.54 -15.52
N PHE A 224 -2.24 4.16 -15.05
CA PHE A 224 -2.54 2.79 -14.60
C PHE A 224 -3.40 2.19 -15.66
N VAL A 225 -2.84 1.23 -16.40
CA VAL A 225 -3.50 0.63 -17.56
C VAL A 225 -3.28 -0.87 -17.55
N ASP A 226 -4.15 -1.53 -18.28
CA ASP A 226 -4.02 -2.97 -18.49
C ASP A 226 -3.29 -3.31 -19.81
N TYR A 227 -3.17 -4.61 -20.08
CA TYR A 227 -2.53 -5.09 -21.34
C TYR A 227 -3.22 -4.69 -22.66
N ARG A 228 -4.44 -4.18 -22.57
CA ARG A 228 -5.18 -3.62 -23.73
C ARG A 228 -5.08 -2.11 -23.80
N ASN A 229 -4.19 -1.58 -22.95
CA ASN A 229 -4.01 -0.14 -22.69
C ASN A 229 -5.27 0.56 -22.25
N GLN A 230 -6.17 -0.15 -21.56
CA GLN A 230 -7.39 0.46 -21.04
C GLN A 230 -7.08 0.92 -19.63
N PRO A 231 -7.54 2.11 -19.25
CA PRO A 231 -7.30 2.65 -17.91
C PRO A 231 -8.04 1.87 -16.82
N LEU A 232 -7.33 1.62 -15.74
CA LEU A 232 -7.91 1.06 -14.51
C LEU A 232 -8.10 2.16 -13.49
N PRO A 233 -9.17 2.08 -12.74
CA PRO A 233 -9.37 3.09 -11.67
C PRO A 233 -8.47 2.88 -10.52
N TRP A 234 -8.08 3.98 -9.88
CA TRP A 234 -7.22 3.81 -8.69
C TRP A 234 -7.89 2.95 -7.58
N SER B 5 -28.58 2.88 27.05
CA SER B 5 -28.26 3.85 25.93
C SER B 5 -26.82 4.44 25.84
N MET B 6 -25.96 4.16 26.81
CA MET B 6 -24.58 4.60 26.75
C MET B 6 -23.90 3.64 25.77
N HIS B 7 -23.41 4.16 24.67
CA HIS B 7 -22.57 3.31 23.80
C HIS B 7 -21.16 2.97 24.34
N ASN B 8 -20.69 1.80 23.92
CA ASN B 8 -19.32 1.37 24.25
C ASN B 8 -18.42 1.68 23.02
N VAL B 9 -17.40 2.53 23.27
CA VAL B 9 -16.47 3.02 22.29
C VAL B 9 -15.06 2.55 22.65
N LEU B 10 -14.47 1.82 21.74
CA LEU B 10 -13.10 1.30 21.92
C LEU B 10 -12.17 2.03 21.00
N ILE B 11 -11.16 2.70 21.58
CA ILE B 11 -10.17 3.45 20.87
C ILE B 11 -8.79 2.80 21.10
N VAL B 12 -8.23 2.24 20.05
CA VAL B 12 -7.00 1.57 20.09
C VAL B 12 -5.90 2.54 19.65
N GLY B 13 -5.11 2.97 20.59
CA GLY B 13 -4.08 3.97 20.41
C GLY B 13 -4.51 5.31 20.91
N ALA B 14 -4.66 5.45 22.21
CA ALA B 14 -5.31 6.58 22.81
C ALA B 14 -4.50 7.41 23.78
N SER B 15 -3.16 7.23 23.82
CA SER B 15 -2.35 7.90 24.81
C SER B 15 -2.12 9.38 24.50
N ARG B 16 -2.17 9.76 23.22
CA ARG B 16 -1.82 11.17 22.82
C ARG B 16 -2.45 11.52 21.51
N GLY B 17 -2.38 12.78 21.13
CA GLY B 17 -2.73 13.11 19.76
C GLY B 17 -4.21 12.89 19.47
N ILE B 18 -4.50 12.51 18.24
CA ILE B 18 -5.87 12.39 17.83
C ILE B 18 -6.55 11.26 18.59
N GLY B 19 -5.83 10.22 18.95
CA GLY B 19 -6.41 9.11 19.69
C GLY B 19 -6.96 9.57 21.07
N LEU B 20 -6.16 10.35 21.76
CA LEU B 20 -6.54 10.93 23.02
C LEU B 20 -7.70 11.90 22.78
N GLY B 21 -7.63 12.71 21.71
CA GLY B 21 -8.72 13.66 21.43
C GLY B 21 -10.05 12.94 21.17
N LEU B 22 -10.00 11.79 20.46
CA LEU B 22 -11.20 10.96 20.21
C LEU B 22 -11.78 10.42 21.50
N ALA B 23 -10.88 9.94 22.41
CA ALA B 23 -11.38 9.51 23.73
C ALA B 23 -12.11 10.63 24.45
N ASP B 24 -11.52 11.80 24.43
CA ASP B 24 -12.08 12.97 25.10
C ASP B 24 -13.44 13.30 24.49
N ALA B 25 -13.48 13.35 23.15
CA ALA B 25 -14.71 13.75 22.44
C ALA B 25 -15.85 12.77 22.68
N PHE B 26 -15.54 11.48 22.69
CA PHE B 26 -16.59 10.48 22.96
C PHE B 26 -17.05 10.56 24.44
N LEU B 27 -16.13 10.81 25.34
CA LEU B 27 -16.50 10.99 26.74
C LEU B 27 -17.46 12.15 26.87
N GLN B 28 -17.20 13.22 26.12
CA GLN B 28 -18.04 14.42 26.26
C GLN B 28 -19.46 14.15 25.75
N ARG B 29 -19.61 13.14 24.93
CA ARG B 29 -20.94 12.73 24.48
C ARG B 29 -21.64 11.79 25.40
N GLY B 30 -21.01 11.39 26.50
CA GLY B 30 -21.59 10.46 27.42
C GLY B 30 -21.31 9.00 27.18
N ALA B 31 -20.37 8.68 26.28
CA ALA B 31 -20.05 7.31 26.00
C ALA B 31 -19.23 6.68 27.11
N GLN B 32 -19.24 5.34 27.11
CA GLN B 32 -18.32 4.53 27.88
C GLN B 32 -17.15 4.25 26.96
N VAL B 33 -15.97 4.74 27.32
CA VAL B 33 -14.79 4.63 26.53
C VAL B 33 -13.76 3.67 27.08
N PHE B 34 -13.32 2.74 26.23
CA PHE B 34 -12.18 1.88 26.51
C PHE B 34 -11.02 2.36 25.71
N ALA B 35 -10.01 2.92 26.36
CA ALA B 35 -8.93 3.58 25.67
C ALA B 35 -7.64 2.75 25.80
N VAL B 36 -7.23 2.11 24.70
CA VAL B 36 -6.12 1.19 24.72
C VAL B 36 -4.86 1.99 24.40
N ALA B 37 -3.82 1.77 25.19
CA ALA B 37 -2.53 2.37 24.91
C ALA B 37 -1.42 1.40 25.35
N ARG B 38 -0.28 1.52 24.72
CA ARG B 38 0.91 0.68 25.12
C ARG B 38 1.30 0.84 26.57
N ARG B 39 1.28 2.10 27.03
CA ARG B 39 1.71 2.45 28.38
C ARG B 39 0.76 3.53 28.95
N PRO B 40 -0.48 3.14 29.27
CA PRO B 40 -1.47 4.14 29.65
C PRO B 40 -1.04 4.95 30.88
N GLN B 41 -0.33 4.32 31.82
CA GLN B 41 -0.02 4.98 33.07
C GLN B 41 0.99 6.08 32.82
N GLY B 42 1.74 6.00 31.72
CA GLY B 42 2.67 7.07 31.35
C GLY B 42 2.09 8.15 30.47
N SER B 43 0.77 8.19 30.29
CA SER B 43 0.11 9.26 29.51
C SER B 43 -0.55 10.26 30.43
N PRO B 44 0.01 11.47 30.55
CA PRO B 44 -0.68 12.37 31.46
C PRO B 44 -2.09 12.71 30.96
N GLY B 45 -2.27 12.74 29.64
CA GLY B 45 -3.56 13.04 29.01
C GLY B 45 -4.62 12.04 29.36
N LEU B 46 -4.26 10.75 29.25
CA LEU B 46 -5.22 9.70 29.65
C LEU B 46 -5.46 9.71 31.11
N GLN B 47 -4.41 9.96 31.94
CA GLN B 47 -4.63 10.06 33.36
C GLN B 47 -5.56 11.19 33.72
N ALA B 48 -5.45 12.32 33.03
CA ALA B 48 -6.37 13.44 33.29
C ALA B 48 -7.82 13.11 32.85
N LEU B 49 -8.03 12.39 31.77
CA LEU B 49 -9.36 11.95 31.36
C LEU B 49 -9.96 10.95 32.36
N ALA B 50 -9.11 10.03 32.89
CA ALA B 50 -9.59 9.08 33.89
C ALA B 50 -10.02 9.81 35.11
N GLU B 51 -9.25 10.84 35.52
CA GLU B 51 -9.63 11.60 36.68
C GLU B 51 -10.96 12.33 36.50
N ARG B 52 -11.18 12.86 35.32
CA ARG B 52 -12.35 13.68 35.08
C ARG B 52 -13.60 12.83 34.91
N ALA B 53 -13.48 11.73 34.16
CA ALA B 53 -14.65 10.91 33.77
C ALA B 53 -14.91 9.71 34.68
N GLY B 54 -13.94 9.38 35.51
CA GLY B 54 -13.99 8.22 36.41
C GLY B 54 -14.15 6.96 35.60
N GLU B 55 -15.11 6.13 36.03
CA GLU B 55 -15.33 4.84 35.38
C GLU B 55 -15.68 4.87 33.93
N ARG B 56 -16.18 5.99 33.41
CA ARG B 56 -16.49 6.04 31.98
C ARG B 56 -15.30 6.04 31.07
N LEU B 57 -14.08 6.26 31.59
CA LEU B 57 -12.87 6.13 30.81
C LEU B 57 -12.11 5.00 31.46
N GLN B 58 -11.96 3.90 30.74
CA GLN B 58 -11.13 2.79 31.19
C GLN B 58 -9.88 2.76 30.34
N ALA B 59 -8.73 2.97 30.96
CA ALA B 59 -7.44 3.07 30.25
C ALA B 59 -6.88 1.65 30.35
N VAL B 60 -6.60 1.02 29.22
CA VAL B 60 -6.35 -0.42 29.15
C VAL B 60 -4.97 -0.57 28.52
N THR B 61 -4.09 -1.39 29.08
CA THR B 61 -2.79 -1.63 28.50
C THR B 61 -2.89 -2.60 27.37
N GLY B 62 -2.38 -2.24 26.20
CA GLY B 62 -2.48 -3.14 25.05
C GLY B 62 -1.69 -2.62 23.90
N ASP B 63 -1.27 -3.56 23.07
CA ASP B 63 -0.38 -3.26 22.00
C ASP B 63 -0.82 -4.06 20.80
N LEU B 64 -1.21 -3.36 19.77
CA LEU B 64 -1.71 -3.92 18.54
C LEU B 64 -0.77 -4.93 17.93
N ASN B 65 0.53 -4.75 18.15
CA ASN B 65 1.54 -5.67 17.57
C ASN B 65 1.75 -6.95 18.39
N GLN B 66 1.13 -7.01 19.56
CA GLN B 66 1.26 -8.22 20.42
C GLN B 66 0.18 -9.18 20.03
N HIS B 67 0.55 -10.46 20.00
CA HIS B 67 -0.40 -11.47 19.52
C HIS B 67 -1.54 -11.81 20.49
N ASP B 68 -1.48 -11.31 21.69
CA ASP B 68 -2.60 -11.39 22.65
C ASP B 68 -3.52 -10.17 22.67
N CYS B 69 -3.35 -9.18 21.78
CA CYS B 69 -4.05 -7.92 21.96
C CYS B 69 -5.59 -8.06 21.96
N ALA B 70 -6.08 -8.72 20.94
CA ALA B 70 -7.56 -8.92 20.80
C ALA B 70 -8.12 -9.75 21.93
N GLU B 71 -7.35 -10.75 22.36
CA GLU B 71 -7.78 -11.60 23.46
C GLU B 71 -7.93 -10.85 24.78
N ARG B 72 -6.92 -10.03 25.09
CA ARG B 72 -6.97 -9.21 26.25
C ARG B 72 -8.09 -8.20 26.21
N ILE B 73 -8.31 -7.60 25.06
CA ILE B 73 -9.38 -6.68 24.91
C ILE B 73 -10.71 -7.40 25.19
N GLY B 74 -10.90 -8.54 24.59
CA GLY B 74 -12.14 -9.25 24.81
C GLY B 74 -12.38 -9.67 26.22
N GLU B 75 -11.31 -10.13 26.88
CA GLU B 75 -11.42 -10.56 28.26
C GLU B 75 -11.85 -9.39 29.13
N MET B 76 -11.31 -8.24 28.82
CA MET B 76 -11.65 -7.04 29.48
C MET B 76 -13.11 -6.59 29.20
N LEU B 77 -13.59 -6.65 27.95
CA LEU B 77 -14.99 -6.23 27.66
C LEU B 77 -16.02 -7.18 28.28
N GLY B 78 -15.69 -8.47 28.35
CA GLY B 78 -16.64 -9.45 28.83
C GLY B 78 -17.72 -9.61 27.80
N GLU B 79 -18.97 -9.36 28.18
CA GLU B 79 -20.04 -9.45 27.20
C GLU B 79 -20.50 -8.13 26.66
N ARG B 80 -19.77 -7.05 26.97
CA ARG B 80 -20.13 -5.71 26.45
C ARG B 80 -19.83 -5.66 24.98
N ARG B 81 -20.80 -5.25 24.14
CA ARG B 81 -20.61 -5.16 22.74
C ARG B 81 -19.96 -3.83 22.41
N ILE B 82 -19.24 -3.82 21.31
CA ILE B 82 -18.51 -2.62 20.90
C ILE B 82 -19.37 -1.87 19.90
N ASP B 83 -19.83 -0.69 20.26
CA ASP B 83 -20.63 0.11 19.31
C ASP B 83 -19.79 0.81 18.27
N ARG B 84 -18.60 1.31 18.69
CA ARG B 84 -17.70 2.03 17.78
C ARG B 84 -16.33 1.52 18.10
N LEU B 85 -15.65 1.02 17.10
CA LEU B 85 -14.28 0.54 17.22
C LEU B 85 -13.42 1.40 16.37
N ILE B 86 -12.48 2.15 16.97
CA ILE B 86 -11.61 3.02 16.24
C ILE B 86 -10.17 2.59 16.43
N VAL B 87 -9.50 2.16 15.35
CA VAL B 87 -8.13 1.74 15.42
C VAL B 87 -7.26 2.91 14.97
N ASN B 88 -6.50 3.45 15.88
CA ASN B 88 -5.65 4.62 15.64
C ASN B 88 -4.25 4.12 15.81
N ALA B 89 -3.94 3.20 14.91
CA ALA B 89 -2.58 2.79 14.66
C ALA B 89 -2.01 3.93 13.87
N GLY B 90 -0.77 4.25 14.18
CA GLY B 90 -0.05 4.84 13.15
C GLY B 90 1.33 5.21 13.64
N ILE B 91 2.31 4.79 12.85
CA ILE B 91 3.64 5.37 12.94
C ILE B 91 4.05 6.00 11.61
N TYR B 92 4.99 6.94 11.67
CA TYR B 92 5.38 7.60 10.45
C TYR B 92 6.19 6.70 9.53
N GLY B 93 6.96 5.77 10.13
CA GLY B 93 8.03 5.09 9.37
C GLY B 93 9.32 5.87 9.47
N PRO B 94 10.37 5.45 8.79
CA PRO B 94 11.64 6.12 8.85
C PRO B 94 11.55 7.61 8.57
N GLN B 95 12.20 8.43 9.41
CA GLN B 95 12.03 9.88 9.25
C GLN B 95 12.42 10.41 7.86
N GLN B 96 13.43 9.84 7.23
CA GLN B 96 13.82 10.30 5.89
C GLN B 96 12.93 9.84 4.77
N GLN B 97 12.08 8.83 5.02
CA GLN B 97 11.03 8.43 4.08
C GLN B 97 11.70 8.01 2.76
N ASP B 98 12.78 7.26 2.88
CA ASP B 98 13.69 7.00 1.75
C ASP B 98 13.70 5.49 1.42
N VAL B 99 13.15 5.14 0.26
CA VAL B 99 13.20 3.76 -0.18
C VAL B 99 14.59 3.16 -0.35
N ALA B 100 15.63 3.99 -0.53
CA ALA B 100 16.99 3.52 -0.63
C ALA B 100 17.59 3.10 0.66
N GLU B 101 16.99 3.49 1.77
CA GLU B 101 17.57 3.23 3.07
C GLU B 101 16.74 2.34 4.00
N ILE B 102 15.47 2.19 3.77
CA ILE B 102 14.62 1.44 4.66
C ILE B 102 15.03 -0.04 4.64
N ASP B 103 15.15 -0.62 5.84
CA ASP B 103 15.60 -2.01 5.98
C ASP B 103 14.44 -2.89 6.34
N ALA B 104 14.74 -4.19 6.50
CA ALA B 104 13.68 -5.15 6.69
C ALA B 104 12.90 -4.94 7.98
N GLU B 105 13.62 -4.65 9.06
CA GLU B 105 12.96 -4.41 10.32
C GLU B 105 12.03 -3.21 10.27
N GLN B 106 12.49 -2.12 9.66
CA GLN B 106 11.67 -0.93 9.52
C GLN B 106 10.46 -1.17 8.63
N THR B 107 10.65 -1.95 7.56
CA THR B 107 9.57 -2.27 6.67
C THR B 107 8.49 -3.09 7.38
N ALA B 108 8.92 -4.09 8.14
CA ALA B 108 7.98 -4.90 8.90
C ALA B 108 7.21 -4.05 9.91
N GLN B 109 7.92 -3.19 10.64
CA GLN B 109 7.28 -2.37 11.64
C GLN B 109 6.24 -1.42 11.01
N LEU B 110 6.62 -0.80 9.89
CA LEU B 110 5.74 0.16 9.26
C LEU B 110 4.47 -0.51 8.74
N PHE B 111 4.57 -1.62 7.99
CA PHE B 111 3.41 -2.22 7.37
C PHE B 111 2.63 -3.08 8.36
N LEU B 112 3.30 -3.67 9.33
CA LEU B 112 2.52 -4.31 10.43
C LEU B 112 1.75 -3.28 11.25
N THR B 113 2.41 -2.25 11.71
CA THR B 113 1.74 -1.28 12.58
C THR B 113 0.58 -0.60 11.85
N ASN B 114 0.82 -0.14 10.64
CA ASN B 114 -0.10 0.76 9.95
C ASN B 114 -1.19 0.07 9.13
N ALA B 115 -0.96 -1.22 8.78
CA ALA B 115 -1.83 -1.86 7.80
C ALA B 115 -2.29 -3.21 8.29
N ILE B 116 -1.37 -4.14 8.59
CA ILE B 116 -1.73 -5.52 8.86
C ILE B 116 -2.35 -5.70 10.25
N ALA B 117 -1.62 -5.22 11.27
CA ALA B 117 -2.12 -5.35 12.62
C ALA B 117 -3.48 -4.73 12.89
N PRO B 118 -3.76 -3.54 12.36
CA PRO B 118 -5.11 -2.98 12.47
C PRO B 118 -6.18 -3.89 12.00
N LEU B 119 -5.94 -4.55 10.87
CA LEU B 119 -6.96 -5.46 10.34
C LEU B 119 -7.04 -6.73 11.19
N ARG B 120 -5.90 -7.22 11.66
CA ARG B 120 -5.87 -8.42 12.43
C ARG B 120 -6.74 -8.19 13.69
N LEU B 121 -6.51 -7.06 14.33
CA LEU B 121 -7.26 -6.74 15.54
C LEU B 121 -8.78 -6.58 15.29
N ALA B 122 -9.08 -5.76 14.30
CA ALA B 122 -10.54 -5.52 13.96
C ALA B 122 -11.26 -6.81 13.62
N ARG B 123 -10.62 -7.64 12.82
CA ARG B 123 -11.19 -8.91 12.47
C ARG B 123 -11.40 -9.82 13.64
N ALA B 124 -10.44 -9.87 14.54
CA ALA B 124 -10.59 -10.67 15.73
C ALA B 124 -11.72 -10.17 16.66
N LEU B 125 -11.99 -8.87 16.67
CA LEU B 125 -13.02 -8.29 17.51
C LEU B 125 -14.39 -8.15 16.81
N SER B 126 -14.44 -8.45 15.52
CA SER B 126 -15.58 -8.18 14.64
C SER B 126 -16.90 -8.73 15.22
N GLY B 127 -16.85 -9.97 15.75
CA GLY B 127 -18.06 -10.62 16.24
C GLY B 127 -18.64 -9.91 17.48
N ARG B 128 -17.84 -9.04 18.12
CA ARG B 128 -18.29 -8.29 19.33
C ARG B 128 -18.86 -6.91 18.94
N VAL B 129 -18.69 -6.52 17.69
CA VAL B 129 -19.18 -5.23 17.22
C VAL B 129 -20.70 -5.24 17.03
N SER B 130 -21.40 -4.26 17.58
CA SER B 130 -22.81 -4.11 17.41
C SER B 130 -23.19 -4.09 15.94
N ARG B 131 -24.26 -4.83 15.63
CA ARG B 131 -24.78 -4.77 14.28
C ARG B 131 -25.31 -3.36 14.05
N GLY B 132 -24.94 -2.77 12.92
CA GLY B 132 -25.24 -1.38 12.69
C GLY B 132 -24.27 -0.39 13.37
N GLY B 133 -23.22 -0.90 13.98
CA GLY B 133 -22.15 -0.07 14.52
C GLY B 133 -21.20 0.43 13.46
N VAL B 134 -19.99 0.82 13.94
CA VAL B 134 -18.98 1.37 13.04
C VAL B 134 -17.61 0.87 13.48
N VAL B 135 -16.84 0.40 12.51
CA VAL B 135 -15.44 0.07 12.70
C VAL B 135 -14.66 1.09 11.82
N ALA B 136 -13.77 1.86 12.42
CA ALA B 136 -13.06 2.93 11.74
C ALA B 136 -11.60 2.77 11.93
N PHE B 137 -10.80 3.07 10.87
CA PHE B 137 -9.36 2.99 10.95
C PHE B 137 -8.83 4.39 10.60
N MET B 138 -7.81 4.84 11.32
CA MET B 138 -7.21 6.11 10.99
C MET B 138 -6.34 5.89 9.78
N SER B 139 -6.67 6.55 8.70
CA SER B 139 -5.91 6.52 7.48
C SER B 139 -5.28 7.90 7.28
N SER B 140 -5.21 8.37 6.06
CA SER B 140 -4.71 9.66 5.75
C SER B 140 -5.05 10.08 4.34
N GLN B 141 -5.10 11.38 4.12
CA GLN B 141 -5.08 11.97 2.79
C GLN B 141 -3.95 11.43 1.95
N MET B 142 -2.82 11.07 2.63
CA MET B 142 -1.65 10.57 1.94
C MET B 142 -1.83 9.16 1.35
N ALA B 143 -2.91 8.47 1.75
CA ALA B 143 -3.25 7.19 1.16
C ALA B 143 -3.89 7.27 -0.20
N SER B 144 -4.41 8.45 -0.54
CA SER B 144 -5.20 8.60 -1.76
C SER B 144 -4.33 8.57 -3.01
N LEU B 145 -4.60 7.62 -3.89
CA LEU B 145 -3.93 7.56 -5.19
C LEU B 145 -4.37 8.74 -6.04
N ALA B 146 -5.66 8.99 -6.09
CA ALA B 146 -6.16 10.10 -6.92
C ALA B 146 -5.62 11.47 -6.55
N LEU B 147 -5.50 11.75 -5.24
CA LEU B 147 -4.93 13.02 -4.79
C LEU B 147 -3.44 13.04 -5.10
N GLY B 148 -2.78 11.94 -4.83
CA GLY B 148 -1.35 11.82 -5.18
C GLY B 148 -0.41 12.80 -4.49
N LEU B 149 -0.68 13.11 -3.22
CA LEU B 149 -0.01 14.18 -2.52
C LEU B 149 1.13 13.68 -1.63
N SER B 150 1.39 12.40 -1.65
CA SER B 150 2.33 11.79 -0.66
C SER B 150 3.83 11.88 -1.00
N ALA B 151 4.23 12.73 -1.93
CA ALA B 151 5.67 12.91 -2.22
C ALA B 151 6.52 13.25 -1.05
N THR B 152 6.03 13.98 -0.12
CA THR B 152 6.88 14.41 1.01
C THR B 152 7.04 13.25 1.99
N MET B 153 6.09 12.32 2.00
CA MET B 153 6.14 11.22 2.91
C MET B 153 5.71 9.90 2.28
N PRO B 154 6.49 9.43 1.28
CA PRO B 154 6.04 8.33 0.48
C PRO B 154 5.82 7.02 1.22
N LEU B 155 6.65 6.73 2.19
CA LEU B 155 6.50 5.45 2.88
C LEU B 155 5.28 5.46 3.82
N TYR B 156 5.06 6.59 4.56
CA TYR B 156 3.88 6.73 5.33
C TYR B 156 2.61 6.59 4.42
N GLY B 157 2.60 7.31 3.32
CA GLY B 157 1.50 7.25 2.40
C GLY B 157 1.23 5.84 1.88
N ALA B 158 2.28 5.13 1.49
CA ALA B 158 2.14 3.79 0.97
C ALA B 158 1.59 2.84 2.05
N SER B 159 1.97 3.04 3.29
CA SER B 159 1.51 2.20 4.40
C SER B 159 0.01 2.43 4.59
N LYS B 160 -0.47 3.64 4.37
CA LYS B 160 -1.87 3.91 4.48
C LYS B 160 -2.65 3.54 3.26
N ALA B 161 -2.04 3.54 2.05
CA ALA B 161 -2.67 2.93 0.90
C ALA B 161 -2.87 1.44 1.14
N ALA B 162 -1.88 0.80 1.75
CA ALA B 162 -1.98 -0.64 2.09
C ALA B 162 -3.11 -0.88 3.09
N LEU B 163 -3.25 -0.01 4.08
CA LEU B 163 -4.37 -0.09 4.99
C LEU B 163 -5.69 -0.02 4.24
N ASN B 164 -5.83 0.99 3.39
CA ASN B 164 -7.11 1.19 2.69
C ASN B 164 -7.41 -0.08 1.82
N SER B 165 -6.39 -0.61 1.18
CA SER B 165 -6.51 -1.84 0.42
C SER B 165 -7.02 -2.99 1.28
N LEU B 166 -6.37 -3.20 2.44
CA LEU B 166 -6.80 -4.30 3.30
C LEU B 166 -8.24 -4.15 3.87
N VAL B 167 -8.65 -2.89 4.12
CA VAL B 167 -10.02 -2.63 4.55
C VAL B 167 -11.00 -2.95 3.42
N ARG B 168 -10.68 -2.52 2.20
CA ARG B 168 -11.48 -2.92 1.04
C ARG B 168 -11.51 -4.41 0.83
N SER B 169 -10.41 -5.11 1.06
CA SER B 169 -10.42 -6.56 0.95
C SER B 169 -11.31 -7.22 2.01
N TRP B 170 -11.32 -6.68 3.21
CA TRP B 170 -12.21 -7.22 4.25
C TRP B 170 -13.68 -6.99 3.85
N GLU B 171 -13.96 -5.77 3.33
CA GLU B 171 -15.33 -5.48 2.86
C GLU B 171 -15.84 -6.56 1.89
N GLY B 172 -14.97 -6.99 1.00
CA GLY B 172 -15.32 -7.97 0.01
C GLY B 172 -15.56 -9.39 0.51
N GLU B 173 -15.22 -9.65 1.78
CA GLU B 173 -15.55 -10.92 2.40
C GLU B 173 -16.95 -11.03 2.90
N PHE B 174 -17.71 -9.95 2.94
CA PHE B 174 -19.09 -9.96 3.34
C PHE B 174 -20.05 -9.86 2.14
N GLU B 175 -21.18 -10.57 2.22
CA GLU B 175 -22.26 -10.42 1.24
C GLU B 175 -22.96 -9.07 1.44
N GLU B 176 -23.05 -8.66 2.72
CA GLU B 176 -23.64 -7.38 3.08
C GLU B 176 -22.87 -6.98 4.35
N LEU B 177 -22.40 -5.75 4.45
CA LEU B 177 -21.74 -5.30 5.67
C LEU B 177 -22.61 -5.33 6.91
N PRO B 178 -22.10 -5.88 8.03
CA PRO B 178 -22.86 -5.89 9.27
C PRO B 178 -22.69 -4.62 10.11
N PHE B 179 -21.68 -3.83 9.76
CA PHE B 179 -21.33 -2.56 10.41
C PHE B 179 -20.65 -1.71 9.34
N SER B 180 -20.51 -0.40 9.58
CA SER B 180 -19.76 0.39 8.65
C SER B 180 -18.27 0.24 8.79
N LEU B 181 -17.53 0.44 7.69
CA LEU B 181 -16.07 0.37 7.66
C LEU B 181 -15.57 1.71 7.22
N LEU B 182 -14.97 2.45 8.14
CA LEU B 182 -14.50 3.79 7.77
C LEU B 182 -12.98 3.88 7.71
N LEU B 183 -12.50 4.64 6.74
CA LEU B 183 -11.14 5.06 6.69
C LEU B 183 -11.13 6.56 6.89
N LEU B 184 -10.36 7.04 7.86
CA LEU B 184 -10.51 8.44 8.33
C LEU B 184 -9.28 9.25 8.03
N HIS B 185 -9.47 10.46 7.52
CA HIS B 185 -8.42 11.44 7.43
C HIS B 185 -8.66 12.47 8.49
N PRO B 186 -7.69 12.66 9.41
CA PRO B 186 -7.98 13.54 10.54
C PRO B 186 -7.72 14.99 10.27
N GLY B 187 -7.20 15.34 9.09
CA GLY B 187 -6.71 16.68 8.82
C GLY B 187 -5.33 16.91 9.36
N TRP B 188 -4.80 18.12 9.14
CA TRP B 188 -3.46 18.45 9.53
C TRP B 188 -3.59 19.41 10.69
N VAL B 189 -3.30 18.95 11.88
CA VAL B 189 -3.19 19.88 13.01
C VAL B 189 -1.94 20.79 12.99
N ARG B 190 -0.85 20.32 12.38
CA ARG B 190 0.34 21.13 12.09
C ARG B 190 0.71 20.99 10.61
N THR B 191 1.16 22.08 10.00
CA THR B 191 1.59 22.08 8.62
C THR B 191 3.02 22.60 8.54
N GLU B 192 3.60 22.47 7.36
CA GLU B 192 4.93 22.99 7.10
C GLU B 192 4.86 24.39 6.57
N MET B 193 3.69 25.05 6.58
CA MET B 193 3.57 26.43 6.13
C MET B 193 3.64 27.21 7.46
N GLY B 194 4.63 28.09 7.53
CA GLY B 194 4.81 28.95 8.71
C GLY B 194 3.69 29.96 8.87
N GLY B 195 3.15 30.46 7.75
CA GLY B 195 2.06 31.45 7.76
C GLY B 195 0.69 30.76 7.92
N ASP B 196 0.66 29.44 7.94
CA ASP B 196 -0.53 28.67 8.17
C ASP B 196 -0.21 27.35 8.94
N SER B 197 0.41 27.54 10.10
CA SER B 197 1.01 26.43 10.85
C SER B 197 0.02 25.57 11.56
N ALA B 198 -1.13 26.13 11.96
CA ALA B 198 -2.09 25.42 12.79
C ALA B 198 -3.53 25.65 12.33
N PRO B 199 -3.91 25.04 11.21
CA PRO B 199 -5.24 25.32 10.65
C PRO B 199 -6.39 24.54 11.30
N LEU B 200 -6.10 23.62 12.22
CA LEU B 200 -7.11 22.74 12.77
C LEU B 200 -6.64 22.35 14.18
N SER B 201 -7.49 22.49 15.19
CA SER B 201 -7.09 21.96 16.50
C SER B 201 -7.35 20.47 16.62
N VAL B 202 -6.59 19.79 17.47
CA VAL B 202 -6.90 18.37 17.70
C VAL B 202 -8.31 18.17 18.22
N GLU B 203 -8.78 19.07 19.06
CA GLU B 203 -10.13 18.98 19.62
C GLU B 203 -11.15 19.14 18.52
N GLU B 204 -10.94 20.10 17.57
CA GLU B 204 -11.88 20.19 16.41
C GLU B 204 -11.79 19.00 15.48
N SER B 205 -10.58 18.49 15.22
CA SER B 205 -10.42 17.30 14.42
C SER B 205 -11.21 16.12 15.03
N ALA B 206 -11.00 15.89 16.33
CA ALA B 206 -11.69 14.78 17.01
C ALA B 206 -13.25 14.95 16.99
N ALA B 207 -13.72 16.15 17.26
CA ALA B 207 -15.15 16.44 17.24
C ALA B 207 -15.71 16.14 15.87
N GLY B 208 -15.01 16.52 14.84
CA GLY B 208 -15.41 16.27 13.47
C GLY B 208 -15.44 14.80 13.11
N LEU B 209 -14.38 14.10 13.50
CA LEU B 209 -14.30 12.66 13.24
C LEU B 209 -15.42 11.93 13.97
N VAL B 210 -15.72 12.34 15.23
CA VAL B 210 -16.85 11.75 15.92
C VAL B 210 -18.15 11.92 15.15
N ALA B 211 -18.38 13.09 14.59
CA ALA B 211 -19.58 13.31 13.78
C ALA B 211 -19.59 12.42 12.53
N ALA B 212 -18.45 12.30 11.89
CA ALA B 212 -18.34 11.42 10.71
C ALA B 212 -18.66 9.94 11.08
N VAL B 213 -18.04 9.46 12.17
CA VAL B 213 -18.32 8.13 12.65
C VAL B 213 -19.79 7.93 12.96
N GLU B 214 -20.40 8.86 13.70
CA GLU B 214 -21.82 8.75 14.05
C GLU B 214 -22.72 8.80 12.81
N ASP B 215 -22.32 9.56 11.78
CA ASP B 215 -23.11 9.62 10.54
C ASP B 215 -23.17 8.28 9.80
N ALA B 216 -22.15 7.45 9.99
CA ALA B 216 -22.11 6.11 9.36
C ALA B 216 -22.81 5.04 10.16
N ALA B 217 -23.24 5.30 11.38
CA ALA B 217 -23.88 4.29 12.20
C ALA B 217 -25.23 4.00 11.61
N GLY B 218 -25.49 2.70 11.44
CA GLY B 218 -26.70 2.23 10.87
C GLY B 218 -26.71 2.21 9.32
N VAL B 219 -25.69 2.73 8.66
CA VAL B 219 -25.61 2.81 7.20
C VAL B 219 -24.99 1.54 6.62
N ASN B 220 -24.08 0.90 7.38
CA ASN B 220 -23.38 -0.30 6.92
C ASN B 220 -22.69 -0.11 5.54
N ALA B 221 -21.85 0.91 5.48
CA ALA B 221 -21.16 1.32 4.27
C ALA B 221 -19.70 1.39 4.51
N CYS B 222 -18.93 1.35 3.42
CA CYS B 222 -17.48 1.58 3.49
C CYS B 222 -17.27 3.02 2.94
N ARG B 223 -16.62 3.88 3.72
CA ARG B 223 -16.44 5.29 3.34
C ARG B 223 -15.01 5.67 3.71
N PHE B 224 -14.42 6.48 2.87
CA PHE B 224 -13.09 7.14 3.14
C PHE B 224 -13.45 8.61 3.26
N VAL B 225 -13.39 9.12 4.48
CA VAL B 225 -13.86 10.44 4.80
C VAL B 225 -12.90 11.19 5.72
N ASP B 226 -13.01 12.51 5.62
CA ASP B 226 -12.25 13.35 6.54
C ASP B 226 -13.11 13.76 7.79
N TYR B 227 -12.51 14.61 8.61
CA TYR B 227 -13.10 15.15 9.83
C TYR B 227 -14.30 16.07 9.59
N ARG B 228 -14.56 16.49 8.35
CA ARG B 228 -15.81 17.18 7.99
C ARG B 228 -16.84 16.25 7.37
N ASN B 229 -16.55 14.96 7.42
CA ASN B 229 -17.29 13.91 6.73
C ASN B 229 -17.37 14.11 5.22
N GLN B 230 -16.36 14.75 4.65
CA GLN B 230 -16.25 14.85 3.17
C GLN B 230 -15.55 13.62 2.67
N PRO B 231 -16.01 13.06 1.56
CA PRO B 231 -15.35 11.91 0.92
C PRO B 231 -14.01 12.27 0.33
N LEU B 232 -13.03 11.39 0.53
CA LEU B 232 -11.80 11.45 -0.21
C LEU B 232 -11.82 10.39 -1.33
N PRO B 233 -11.22 10.72 -2.47
CA PRO B 233 -11.16 9.71 -3.53
C PRO B 233 -10.12 8.64 -3.18
N TRP B 234 -10.33 7.42 -3.63
CA TRP B 234 -9.36 6.40 -3.40
C TRP B 234 -7.98 6.72 -4.00
#